data_3GI2
#
_entry.id   3GI2
#
_cell.length_a   84.574
_cell.length_b   84.574
_cell.length_c   77.943
_cell.angle_alpha   90.00
_cell.angle_beta   90.00
_cell.angle_gamma   120.00
#
_symmetry.space_group_name_H-M   'H 3'
#
loop_
_entity.id
_entity.type
_entity.pdbx_description
1 polymer 'Dihydrofolate reductase'
2 non-polymer 'N-({4-[(2-amino-6-methyl-4-oxo-3,4-dihydrothieno[2,3-d]pyrimidin-5-yl)sulfanyl]phenyl}carbonyl)-L-glutamic acid'
3 non-polymer 'NADPH DIHYDRO-NICOTINAMIDE-ADENINE-DINUCLEOTIDE PHOSPHATE'
4 water water
#
_entity_poly.entity_id   1
_entity_poly.type   'polypeptide(L)'
_entity_poly.pdbx_seq_one_letter_code
;MVGSLNCIVAVSQNMGIGKNGDLPWPPLRNEFRYFKRMTTTSSVEGKQNLVIMGKKTWFSIPEKNRPLKGRINLVLSREL
KEPPQGAHFLSRSLDDALKLTEQPELANKVDMVWIVGGSSVYKEAMNHPGHLKLFVTRIMQDFESDTFFPEIDLEKYKLL
PEYPGVLSDVQEEKGIKYKFEVYEKND
;
_entity_poly.pdbx_strand_id   A
#
# COMPACT_ATOMS: atom_id res chain seq x y z
N VAL A 2 -3.74 9.07 -15.49
CA VAL A 2 -3.30 8.23 -14.28
C VAL A 2 -3.98 6.87 -14.45
N GLY A 3 -3.28 5.82 -14.12
CA GLY A 3 -3.88 4.46 -14.21
C GLY A 3 -4.59 4.01 -12.93
N SER A 4 -4.32 2.75 -12.63
CA SER A 4 -5.20 2.11 -11.64
C SER A 4 -4.94 2.57 -10.20
N LEU A 5 -5.97 2.37 -9.36
CA LEU A 5 -5.87 2.64 -7.88
C LEU A 5 -5.85 1.31 -7.14
N ASN A 6 -4.90 1.20 -6.18
CA ASN A 6 -4.58 -0.09 -5.55
C ASN A 6 -4.23 0.16 -4.11
N CYS A 7 -4.57 -0.79 -3.24
CA CYS A 7 -3.98 -0.80 -1.87
C CYS A 7 -3.10 -1.99 -1.81
N ILE A 8 -2.04 -1.92 -1.01
CA ILE A 8 -1.21 -3.08 -0.74
C ILE A 8 -0.92 -3.13 0.78
N VAL A 9 -0.95 -4.33 1.34
CA VAL A 9 -0.80 -4.52 2.78
C VAL A 9 -0.35 -5.97 3.02
N ALA A 10 0.30 -6.18 4.15
CA ALA A 10 0.51 -7.51 4.68
C ALA A 10 -0.13 -7.53 6.06
N VAL A 11 -0.88 -8.60 6.35
CA VAL A 11 -1.76 -8.58 7.50
C VAL A 11 -1.72 -9.95 8.18
N SER A 12 -1.70 -10.00 9.51
CA SER A 12 -1.70 -11.31 10.25
C SER A 12 -3.13 -11.85 10.32
N GLN A 13 -3.26 -13.08 10.84
CA GLN A 13 -4.58 -13.69 10.93
C GLN A 13 -5.55 -12.90 11.77
N ASN A 14 -5.03 -12.23 12.81
CA ASN A 14 -5.85 -11.37 13.69
C ASN A 14 -5.93 -9.94 13.20
N MET A 15 -5.65 -9.79 11.87
CA MET A 15 -5.82 -8.52 11.15
C MET A 15 -4.83 -7.47 11.58
N GLY A 16 -3.71 -7.89 12.16
CA GLY A 16 -2.71 -6.94 12.58
C GLY A 16 -1.85 -6.46 11.40
N ILE A 17 -1.50 -5.17 11.42
CA ILE A 17 -0.55 -4.66 10.45
C ILE A 17 0.62 -3.95 11.11
N GLY A 18 0.51 -3.58 12.37
CA GLY A 18 1.66 -2.84 12.96
C GLY A 18 1.69 -3.01 14.49
N LYS A 19 2.87 -2.76 15.05
CA LYS A 19 3.11 -2.82 16.52
C LYS A 19 4.24 -1.86 16.84
N ASN A 20 3.97 -0.88 17.73
CA ASN A 20 5.03 0.05 18.21
C ASN A 20 5.78 0.66 17.05
N GLY A 21 5.06 1.06 15.98
CA GLY A 21 5.69 1.77 14.87
C GLY A 21 6.44 0.88 13.84
N ASP A 22 6.29 -0.44 13.95
CA ASP A 22 6.98 -1.34 13.01
C ASP A 22 5.99 -2.46 12.73
N LEU A 23 6.44 -3.45 11.97
CA LEU A 23 5.57 -4.64 11.67
C LEU A 23 5.42 -5.56 12.86
N PRO A 24 4.35 -6.36 12.93
CA PRO A 24 4.18 -7.26 14.10
C PRO A 24 5.14 -8.44 14.08
N TRP A 25 5.60 -8.77 12.88
CA TRP A 25 6.46 -9.94 12.62
C TRP A 25 7.86 -9.47 12.28
N PRO A 26 8.85 -10.38 12.45
CA PRO A 26 10.18 -10.06 12.02
C PRO A 26 10.30 -9.88 10.53
N PRO A 27 11.41 -9.31 10.07
CA PRO A 27 11.56 -9.03 8.68
C PRO A 27 11.39 -10.30 7.80
N LEU A 28 10.56 -10.18 6.77
CA LEU A 28 10.35 -11.23 5.73
C LEU A 28 10.89 -10.63 4.46
N ARG A 29 12.14 -10.94 4.16
CA ARG A 29 12.89 -10.21 3.09
C ARG A 29 12.17 -10.34 1.73
N ASN A 30 11.72 -11.51 1.36
CA ASN A 30 11.08 -11.66 0.07
C ASN A 30 9.68 -11.04 0.02
N GLU A 31 9.03 -10.94 1.20
CA GLU A 31 7.71 -10.26 1.26
C GLU A 31 7.96 -8.79 1.02
N PHE A 32 9.02 -8.21 1.65
CA PHE A 32 9.34 -6.82 1.32
C PHE A 32 9.71 -6.62 -0.14
N ARG A 33 10.44 -7.58 -0.69
CA ARG A 33 10.76 -7.53 -2.12
C ARG A 33 9.52 -7.55 -3.05
N TYR A 34 8.49 -8.30 -2.62
CA TYR A 34 7.22 -8.34 -3.30
C TYR A 34 6.57 -6.93 -3.23
N PHE A 35 6.55 -6.35 -2.02
CA PHE A 35 6.05 -4.95 -1.93
C PHE A 35 6.76 -4.03 -2.95
N LYS A 36 8.08 -4.15 -2.99
CA LYS A 36 8.87 -3.22 -3.84
C LYS A 36 8.53 -3.46 -5.29
N ARG A 37 8.46 -4.74 -5.69
CA ARG A 37 8.18 -5.07 -7.10
C ARG A 37 6.79 -4.60 -7.50
N MET A 38 5.79 -4.84 -6.65
CA MET A 38 4.45 -4.42 -7.02
C MET A 38 4.30 -2.90 -7.12
N THR A 39 4.81 -2.23 -6.08
CA THR A 39 4.64 -0.76 -6.05
C THR A 39 5.53 -0.02 -7.06
N THR A 40 6.66 -0.63 -7.43
CA THR A 40 7.55 0.12 -8.34
C THR A 40 7.23 -0.14 -9.83
N THR A 41 6.75 -1.34 -10.15
CA THR A 41 6.65 -1.80 -11.57
C THR A 41 5.51 -1.09 -12.28
N SER A 42 5.91 -0.31 -13.30
CA SER A 42 4.93 0.47 -14.09
C SER A 42 4.73 -0.19 -15.43
N SER A 43 3.45 -0.41 -15.73
CA SER A 43 2.98 -0.98 -16.96
C SER A 43 3.31 -0.05 -18.19
N VAL A 44 3.63 1.22 -17.94
CA VAL A 44 3.57 2.35 -18.91
C VAL A 44 4.88 3.13 -19.12
N GLU A 45 5.33 3.24 -20.37
CA GLU A 45 6.66 3.86 -20.65
C GLU A 45 6.75 5.32 -20.19
N GLY A 46 7.85 5.64 -19.46
CA GLY A 46 8.14 7.02 -19.05
C GLY A 46 7.30 7.54 -17.89
N LYS A 47 6.69 6.61 -17.15
CA LYS A 47 5.90 7.02 -16.01
C LYS A 47 6.40 6.23 -14.82
N GLN A 48 6.16 6.76 -13.61
CA GLN A 48 6.39 6.02 -12.37
C GLN A 48 5.06 5.86 -11.64
N ASN A 49 5.03 4.98 -10.65
CA ASN A 49 3.82 4.88 -9.80
C ASN A 49 3.96 5.84 -8.61
N LEU A 50 2.83 6.20 -8.08
CA LEU A 50 2.74 7.12 -6.91
C LEU A 50 2.35 6.29 -5.71
N VAL A 51 3.04 6.47 -4.59
CA VAL A 51 2.72 5.79 -3.30
C VAL A 51 2.17 6.83 -2.38
N ILE A 52 1.01 6.54 -1.80
CA ILE A 52 0.31 7.43 -0.87
C ILE A 52 0.35 6.77 0.49
N MET A 53 0.78 7.50 1.51
CA MET A 53 0.82 6.92 2.87
C MET A 53 0.59 7.97 3.95
N GLY A 54 0.09 7.51 5.08
CA GLY A 54 -0.01 8.35 6.28
C GLY A 54 1.34 8.68 6.86
N LYS A 55 1.32 9.72 7.71
CA LYS A 55 2.59 10.22 8.29
C LYS A 55 3.32 9.15 9.12
N LYS A 56 2.60 8.36 9.97
CA LYS A 56 3.29 7.36 10.76
C LYS A 56 3.87 6.30 9.88
N THR A 57 3.16 5.91 8.80
CA THR A 57 3.74 4.92 7.90
C THR A 57 5.03 5.45 7.24
N TRP A 58 5.05 6.68 6.78
CA TRP A 58 6.30 7.24 6.25
C TRP A 58 7.46 7.02 7.24
N PHE A 59 7.27 7.45 8.49
CA PHE A 59 8.38 7.39 9.44
C PHE A 59 8.64 5.99 9.91
N SER A 60 7.72 5.07 9.61
CA SER A 60 8.00 3.64 9.87
C SER A 60 8.92 2.97 8.89
N ILE A 61 9.13 3.61 7.73
CA ILE A 61 10.06 3.07 6.73
C ILE A 61 11.48 3.46 7.09
N PRO A 62 12.41 2.48 7.14
CA PRO A 62 13.78 2.81 7.52
C PRO A 62 14.21 4.02 6.69
N GLU A 63 14.81 5.01 7.32
CA GLU A 63 15.25 6.23 6.57
C GLU A 63 16.17 5.93 5.40
N LYS A 64 17.00 4.90 5.48
CA LYS A 64 17.87 4.52 4.34
C LYS A 64 17.08 4.12 3.07
N ASN A 65 15.78 3.82 3.28
CA ASN A 65 14.95 3.33 2.19
C ASN A 65 13.92 4.38 1.80
N ARG A 66 14.03 5.58 2.40
CA ARG A 66 13.12 6.69 2.06
C ARG A 66 13.85 7.75 1.23
N PRO A 67 13.15 8.33 0.24
CA PRO A 67 11.85 7.94 -0.32
C PRO A 67 11.98 6.56 -0.96
N LEU A 68 10.81 5.90 -1.05
CA LEU A 68 10.75 4.55 -1.75
C LEU A 68 11.28 4.79 -3.17
N LYS A 69 12.41 4.17 -3.50
CA LYS A 69 13.09 4.59 -4.72
C LYS A 69 12.31 4.20 -5.98
N GLY A 70 12.36 5.10 -6.95
CA GLY A 70 11.67 4.79 -8.24
C GLY A 70 10.17 4.99 -8.24
N ARG A 71 9.64 5.48 -7.15
CA ARG A 71 8.22 5.83 -6.97
C ARG A 71 8.10 7.27 -6.48
N ILE A 72 7.02 7.93 -6.85
CA ILE A 72 6.71 9.25 -6.33
C ILE A 72 6.09 9.08 -4.91
N ASN A 73 6.68 9.70 -3.89
CA ASN A 73 6.24 9.50 -2.54
C ASN A 73 5.41 10.65 -2.04
N LEU A 74 4.16 10.37 -1.64
CA LEU A 74 3.26 11.38 -1.10
C LEU A 74 2.85 10.99 0.29
N VAL A 75 2.96 11.94 1.21
CA VAL A 75 2.57 11.73 2.58
C VAL A 75 1.27 12.51 2.91
N LEU A 76 0.40 11.89 3.70
CA LEU A 76 -0.84 12.49 4.19
C LEU A 76 -0.60 13.02 5.59
N SER A 77 -0.82 14.31 5.75
CA SER A 77 -0.77 14.91 7.11
C SER A 77 -1.50 16.26 7.11
N ARG A 78 -2.25 16.54 8.17
CA ARG A 78 -2.80 17.89 8.35
C ARG A 78 -1.95 18.76 9.26
N GLU A 79 -1.00 18.17 9.98
CA GLU A 79 -0.21 18.93 10.91
C GLU A 79 1.05 19.46 10.21
N LEU A 80 1.65 18.63 9.36
CA LEU A 80 2.85 19.07 8.63
C LEU A 80 2.56 20.26 7.71
N LYS A 81 3.59 21.08 7.55
CA LYS A 81 3.46 22.31 6.73
C LYS A 81 4.10 22.11 5.37
N GLU A 82 4.97 21.08 5.26
CA GLU A 82 5.64 20.73 4.02
C GLU A 82 5.99 19.22 4.01
N PRO A 83 6.28 18.63 2.83
CA PRO A 83 6.67 17.24 2.84
C PRO A 83 7.80 16.99 3.79
N PRO A 84 7.80 15.85 4.49
CA PRO A 84 8.99 15.52 5.33
C PRO A 84 10.28 15.43 4.48
N GLN A 85 11.43 15.59 5.13
CA GLN A 85 12.70 15.39 4.48
C GLN A 85 12.72 14.05 3.65
N GLY A 86 13.04 14.17 2.37
CA GLY A 86 13.07 13.00 1.50
C GLY A 86 11.78 12.73 0.76
N ALA A 87 10.62 13.23 1.25
CA ALA A 87 9.35 13.00 0.58
C ALA A 87 9.14 13.98 -0.57
N HIS A 88 8.24 13.63 -1.48
CA HIS A 88 8.00 14.50 -2.67
C HIS A 88 6.80 15.39 -2.56
N PHE A 89 5.71 14.92 -1.95
CA PHE A 89 4.45 15.68 -1.90
C PHE A 89 3.77 15.46 -0.54
N LEU A 90 2.93 16.42 -0.18
CA LEU A 90 2.12 16.41 1.05
C LEU A 90 0.75 16.78 0.65
N SER A 91 -0.19 15.97 1.11
CA SER A 91 -1.60 16.29 0.95
C SER A 91 -2.35 16.21 2.26
N ARG A 92 -3.48 16.94 2.36
CA ARG A 92 -4.26 17.03 3.57
C ARG A 92 -5.44 16.08 3.63
N SER A 93 -5.69 15.34 2.54
CA SER A 93 -6.75 14.35 2.54
C SER A 93 -6.48 13.48 1.37
N LEU A 94 -7.10 12.32 1.41
CA LEU A 94 -6.99 11.34 0.26
C LEU A 94 -7.54 11.94 -1.04
N ASP A 95 -8.66 12.63 -0.93
CA ASP A 95 -9.34 13.18 -2.11
C ASP A 95 -8.35 14.22 -2.66
N ASP A 96 -7.72 15.01 -1.77
CA ASP A 96 -6.76 16.01 -2.27
C ASP A 96 -5.60 15.33 -2.99
N ALA A 97 -5.09 14.23 -2.41
CA ALA A 97 -3.99 13.51 -3.04
C ALA A 97 -4.38 13.04 -4.42
N LEU A 98 -5.56 12.45 -4.51
CA LEU A 98 -5.94 11.81 -5.77
C LEU A 98 -6.17 12.90 -6.81
N LYS A 99 -6.67 14.06 -6.39
CA LYS A 99 -6.83 15.22 -7.31
C LYS A 99 -5.52 15.80 -7.84
N LEU A 100 -4.48 15.81 -6.99
CA LEU A 100 -3.13 16.26 -7.35
C LEU A 100 -2.59 15.50 -8.55
N THR A 101 -2.97 14.23 -8.57
CA THR A 101 -2.55 13.29 -9.57
C THR A 101 -3.10 13.73 -10.94
N GLU A 102 -4.17 14.54 -10.92
CA GLU A 102 -4.83 15.11 -12.12
C GLU A 102 -4.23 16.45 -12.54
N GLN A 103 -3.46 17.09 -11.67
CA GLN A 103 -2.82 18.38 -11.98
C GLN A 103 -1.71 18.29 -13.05
N PRO A 104 -1.34 19.43 -13.70
CA PRO A 104 -0.39 19.33 -14.84
C PRO A 104 0.96 18.73 -14.45
N GLU A 105 1.47 19.08 -13.27
CA GLU A 105 2.69 18.48 -12.70
C GLU A 105 2.67 16.92 -12.77
N LEU A 106 1.60 16.28 -12.30
CA LEU A 106 1.63 14.82 -12.19
C LEU A 106 0.84 14.04 -13.28
N ALA A 107 -0.12 14.71 -13.90
CA ALA A 107 -1.05 14.12 -14.90
C ALA A 107 -0.49 13.10 -15.88
N ASN A 108 0.70 13.36 -16.44
CA ASN A 108 1.36 12.50 -17.42
C ASN A 108 2.61 11.86 -16.88
N LYS A 109 2.84 11.98 -15.56
CA LYS A 109 4.01 11.37 -14.89
C LYS A 109 3.66 10.08 -14.17
N VAL A 110 2.42 10.00 -13.72
CA VAL A 110 2.01 8.91 -12.79
C VAL A 110 1.25 7.82 -13.52
N ASP A 111 1.66 6.57 -13.33
CA ASP A 111 0.90 5.41 -13.81
C ASP A 111 -0.02 4.91 -12.70
N MET A 112 0.42 3.90 -11.94
CA MET A 112 -0.49 3.36 -10.90
C MET A 112 -0.39 4.17 -9.60
N VAL A 113 -1.49 4.19 -8.83
CA VAL A 113 -1.45 4.79 -7.47
C VAL A 113 -1.56 3.64 -6.48
N TRP A 114 -0.65 3.59 -5.52
CA TRP A 114 -0.64 2.51 -4.50
C TRP A 114 -0.82 3.17 -3.15
N ILE A 115 -1.94 2.85 -2.48
CA ILE A 115 -2.10 3.27 -1.08
C ILE A 115 -1.46 2.24 -0.20
N VAL A 116 -0.50 2.70 0.64
CA VAL A 116 0.28 1.79 1.48
C VAL A 116 0.04 2.02 2.96
N GLY A 117 -1.09 2.61 3.33
CA GLY A 117 -1.58 2.60 4.71
C GLY A 117 -1.31 3.95 5.39
N GLY A 118 -1.55 4.09 6.70
CA GLY A 118 -2.01 3.03 7.59
C GLY A 118 -3.56 2.85 7.63
N SER A 119 -4.07 2.51 8.81
CA SER A 119 -5.47 1.96 8.93
C SER A 119 -6.49 2.95 8.40
N SER A 120 -6.38 4.25 8.74
CA SER A 120 -7.36 5.22 8.29
C SER A 120 -7.42 5.39 6.81
N VAL A 121 -6.25 5.41 6.16
CA VAL A 121 -6.21 5.63 4.73
C VAL A 121 -6.74 4.39 4.02
N TYR A 122 -6.35 3.20 4.51
CA TYR A 122 -6.93 1.95 3.92
C TYR A 122 -8.43 1.97 4.04
N LYS A 123 -8.97 2.33 5.21
CA LYS A 123 -10.45 2.26 5.34
C LYS A 123 -11.17 3.20 4.38
N GLU A 124 -10.62 4.42 4.26
CA GLU A 124 -11.26 5.41 3.36
C GLU A 124 -11.19 4.98 1.91
N ALA A 125 -10.00 4.51 1.51
CA ALA A 125 -9.82 4.03 0.14
C ALA A 125 -10.76 2.91 -0.16
N MET A 126 -10.87 2.02 0.81
CA MET A 126 -11.63 0.81 0.52
C MET A 126 -13.09 1.08 0.42
N ASN A 127 -13.59 2.17 1.00
CA ASN A 127 -15.04 2.49 1.09
C ASN A 127 -15.41 3.54 0.09
N HIS A 128 -14.45 3.87 -0.77
CA HIS A 128 -14.68 4.92 -1.73
C HIS A 128 -15.14 4.37 -3.07
N PRO A 129 -16.35 4.81 -3.50
CA PRO A 129 -16.79 4.28 -4.82
C PRO A 129 -15.75 4.27 -5.94
N GLY A 130 -15.70 3.19 -6.75
CA GLY A 130 -14.96 3.15 -7.96
C GLY A 130 -14.18 1.85 -8.08
N HIS A 131 -13.29 1.82 -9.05
CA HIS A 131 -12.55 0.58 -9.38
C HIS A 131 -11.28 0.52 -8.57
N LEU A 132 -11.16 -0.54 -7.73
CA LEU A 132 -10.02 -0.55 -6.76
C LEU A 132 -9.55 -1.99 -6.55
N LYS A 133 -8.24 -2.27 -6.59
CA LYS A 133 -7.73 -3.60 -6.19
C LYS A 133 -7.04 -3.55 -4.82
N LEU A 134 -7.10 -4.67 -4.12
CA LEU A 134 -6.37 -4.82 -2.85
C LEU A 134 -5.37 -5.96 -3.06
N PHE A 135 -4.09 -5.67 -2.83
CA PHE A 135 -3.05 -6.70 -2.86
C PHE A 135 -2.71 -7.03 -1.44
N VAL A 136 -3.17 -8.19 -1.02
CA VAL A 136 -3.14 -8.51 0.41
C VAL A 136 -2.24 -9.75 0.62
N THR A 137 -1.20 -9.60 1.49
CA THR A 137 -0.39 -10.75 1.84
C THR A 137 -0.97 -11.24 3.18
N ARG A 138 -1.43 -12.47 3.17
CA ARG A 138 -1.97 -13.13 4.39
C ARG A 138 -0.83 -13.78 5.15
N ILE A 139 -0.43 -13.15 6.28
CA ILE A 139 0.57 -13.73 7.15
C ILE A 139 -0.20 -14.72 8.02
N MET A 140 0.14 -16.02 7.86
CA MET A 140 -0.71 -17.11 8.39
C MET A 140 -0.47 -17.52 9.85
N GLN A 141 -0.28 -16.53 10.72
CA GLN A 141 -0.15 -16.74 12.19
C GLN A 141 -0.81 -15.52 12.83
N ASP A 142 -1.07 -15.62 14.14
CA ASP A 142 -1.46 -14.44 14.93
C ASP A 142 -0.22 -13.77 15.43
N PHE A 143 -0.25 -12.43 15.42
CA PHE A 143 0.86 -11.65 15.98
C PHE A 143 0.26 -10.52 16.78
N GLU A 144 0.86 -10.26 17.97
CA GLU A 144 0.42 -9.13 18.79
C GLU A 144 0.64 -7.85 18.00
N SER A 145 -0.43 -7.03 17.98
CA SER A 145 -0.45 -5.82 17.14
C SER A 145 -1.13 -4.70 17.86
N ASP A 146 -0.84 -3.49 17.46
CA ASP A 146 -1.54 -2.33 17.97
C ASP A 146 -2.19 -1.47 16.85
N THR A 147 -2.12 -1.96 15.63
CA THR A 147 -2.71 -1.24 14.47
C THR A 147 -3.24 -2.38 13.58
N PHE A 148 -4.46 -2.22 13.07
CA PHE A 148 -5.14 -3.31 12.38
C PHE A 148 -5.67 -2.89 11.02
N PHE A 149 -5.80 -3.90 10.13
CA PHE A 149 -6.42 -3.65 8.83
C PHE A 149 -7.96 -3.59 8.90
N PRO A 150 -8.56 -2.65 8.18
CA PRO A 150 -10.07 -2.59 8.26
C PRO A 150 -10.69 -3.81 7.56
N GLU A 151 -11.98 -4.01 7.83
CA GLU A 151 -12.74 -5.15 7.29
C GLU A 151 -12.77 -5.08 5.77
N ILE A 152 -12.50 -6.21 5.13
CA ILE A 152 -12.73 -6.30 3.66
C ILE A 152 -14.16 -6.84 3.50
N ASP A 153 -15.01 -6.07 2.84
CA ASP A 153 -16.37 -6.56 2.51
C ASP A 153 -16.34 -7.37 1.26
N LEU A 154 -16.48 -8.68 1.43
CA LEU A 154 -16.33 -9.62 0.35
C LEU A 154 -17.54 -9.62 -0.55
N GLU A 155 -18.63 -8.96 -0.17
CA GLU A 155 -19.74 -8.83 -1.11
C GLU A 155 -19.28 -7.96 -2.29
N LYS A 156 -18.38 -7.00 -2.03
CA LYS A 156 -17.98 -6.08 -3.08
C LYS A 156 -16.56 -6.43 -3.60
N TYR A 157 -15.70 -6.93 -2.73
CA TYR A 157 -14.28 -7.29 -3.12
C TYR A 157 -14.20 -8.77 -3.45
N LYS A 158 -14.05 -9.05 -4.75
CA LYS A 158 -13.91 -10.41 -5.24
C LYS A 158 -12.45 -10.85 -5.13
N LEU A 159 -12.21 -11.98 -4.50
CA LEU A 159 -10.85 -12.57 -4.53
C LEU A 159 -10.60 -13.15 -5.90
N LEU A 160 -9.53 -12.71 -6.57
CA LEU A 160 -9.30 -13.14 -7.96
C LEU A 160 -8.65 -14.50 -7.98
N PRO A 161 -9.09 -15.40 -8.90
CA PRO A 161 -8.55 -16.77 -8.84
C PRO A 161 -7.18 -16.90 -9.47
N GLU A 162 -6.67 -15.84 -10.12
CA GLU A 162 -5.30 -15.83 -10.62
C GLU A 162 -4.99 -14.34 -10.85
N TYR A 163 -3.70 -14.05 -10.86
CA TYR A 163 -3.26 -12.72 -11.30
C TYR A 163 -1.81 -12.80 -11.80
N PRO A 164 -1.56 -12.31 -13.00
CA PRO A 164 -0.20 -12.46 -13.54
C PRO A 164 0.87 -11.89 -12.68
N GLY A 165 1.89 -12.71 -12.43
CA GLY A 165 2.99 -12.14 -11.66
C GLY A 165 2.85 -12.29 -10.15
N VAL A 166 1.75 -12.89 -9.71
CA VAL A 166 1.53 -13.13 -8.26
C VAL A 166 1.53 -14.65 -8.06
N LEU A 167 2.51 -15.07 -7.26
CA LEU A 167 2.61 -16.52 -6.91
C LEU A 167 1.41 -16.99 -6.14
N SER A 168 0.88 -18.19 -6.44
CA SER A 168 -0.34 -18.64 -5.84
C SER A 168 -0.08 -19.62 -4.68
N ASP A 169 1.17 -20.11 -4.49
CA ASP A 169 1.43 -21.11 -3.47
C ASP A 169 1.87 -20.52 -2.16
N VAL A 170 1.90 -21.31 -1.14
CA VAL A 170 2.30 -20.82 0.20
C VAL A 170 3.80 -20.53 0.23
N GLN A 171 4.16 -19.34 0.71
CA GLN A 171 5.51 -18.87 0.96
C GLN A 171 5.84 -19.13 2.41
N GLU A 172 7.14 -19.15 2.69
CA GLU A 172 7.58 -19.29 4.09
C GLU A 172 8.94 -18.66 4.24
N GLU A 173 9.05 -17.74 5.25
CA GLU A 173 10.36 -17.17 5.59
C GLU A 173 10.36 -17.06 7.12
N LYS A 174 11.54 -17.33 7.73
CA LYS A 174 11.66 -17.22 9.18
C LYS A 174 10.65 -18.07 9.92
N GLY A 175 10.28 -19.22 9.32
CA GLY A 175 9.30 -20.14 9.90
C GLY A 175 7.87 -19.59 9.89
N ILE A 176 7.64 -18.55 9.07
CA ILE A 176 6.31 -17.92 9.05
C ILE A 176 5.72 -18.12 7.62
N LYS A 177 4.60 -18.82 7.53
CA LYS A 177 3.94 -19.10 6.22
C LYS A 177 3.03 -17.93 5.90
N TYR A 178 3.04 -17.61 4.61
CA TYR A 178 2.17 -16.53 4.11
C TYR A 178 1.78 -16.81 2.63
N LYS A 179 0.75 -16.10 2.20
CA LYS A 179 0.27 -16.28 0.80
C LYS A 179 -0.21 -14.99 0.25
N PHE A 180 -0.15 -14.85 -1.07
CA PHE A 180 -0.48 -13.56 -1.69
C PHE A 180 -1.91 -13.68 -2.24
N GLU A 181 -2.67 -12.58 -2.14
CA GLU A 181 -4.06 -12.47 -2.64
C GLU A 181 -4.25 -11.15 -3.35
N VAL A 182 -5.15 -11.18 -4.35
CA VAL A 182 -5.56 -9.95 -5.07
C VAL A 182 -7.11 -9.94 -5.04
N TYR A 183 -7.62 -8.80 -4.55
CA TYR A 183 -9.08 -8.50 -4.50
C TYR A 183 -9.38 -7.40 -5.50
N GLU A 184 -10.57 -7.47 -6.09
CA GLU A 184 -10.96 -6.39 -6.98
C GLU A 184 -12.45 -6.02 -6.72
N LYS A 185 -12.73 -4.74 -6.55
CA LYS A 185 -14.16 -4.27 -6.60
C LYS A 185 -14.30 -3.26 -7.76
N ASN A 186 -15.57 -2.94 -8.05
CA ASN A 186 -15.89 -1.80 -8.96
C ASN A 186 -17.30 -1.43 -8.63
N ASP A 187 -17.46 -0.33 -7.94
CA ASP A 187 -18.82 0.14 -7.56
C ASP A 187 -18.86 1.66 -7.60
#